data_6BSL
#
_entry.id   6BSL
#
_cell.length_a   90.554
_cell.length_b   124.441
_cell.length_c   43.639
_cell.angle_alpha   90.000
_cell.angle_beta   90.000
_cell.angle_gamma   90.000
#
_symmetry.space_group_name_H-M   'P 21 21 21'
#
loop_
_entity.id
_entity.type
_entity.pdbx_description
1 polymer 'Bone morphogenetic protein 1'
2 non-polymer 'THIOCYANATE ION'
3 non-polymer 'ZINC ION'
4 non-polymer 'N-(2-ethoxy-4-{5-[({[(2R)-2-{(1R)-1-[formyl(hydroxy)amino]propyl}heptanoyl]amino}methyl)carbamoyl]furan-2-yl}benzene-1-carbonyl)-L-aspartic acid'
5 non-polymer 1,2-ETHANEDIOL
6 water water
#
_entity_poly.entity_id   1
_entity_poly.type   'polypeptide(L)'
_entity_poly.pdbx_seq_one_letter_code
;(ACE)AATSRPERVWPDGVIPFVIGGNFTGSQRAVFRQAMRHWEKHTCVTFLERTDEDSYIVFTYRPCGCCSYVGRRGGG
PQAISIGKNCDKFGIVVHELGHVVGFWHEHTRPDRDRHVSIVRENIQPGQEYNFLKMEPQEVESLGETYDFDSIMHYARN
TFSRGIFLDTIVPKYEVNGVKPPIGQRTRLSKGDIAQARKLYKCPA
;
_entity_poly.pdbx_strand_id   A,B
#
# COMPACT_ATOMS: atom_id res chain seq x y z
N ALA A 2 21.22 -0.29 5.30
CA ALA A 2 20.57 0.92 5.89
C ALA A 2 20.36 0.74 7.41
N ALA A 3 21.46 0.55 8.14
CA ALA A 3 21.43 0.38 9.57
C ALA A 3 21.21 1.73 10.24
N THR A 4 20.30 1.77 11.22
CA THR A 4 20.04 2.99 11.97
C THR A 4 21.32 3.56 12.59
N SER A 5 21.45 4.87 12.54
CA SER A 5 22.54 5.58 13.19
C SER A 5 22.24 5.91 14.65
N ARG A 6 21.00 5.68 15.08
CA ARG A 6 20.56 6.11 16.40
C ARG A 6 20.95 5.07 17.46
N PRO A 7 21.88 5.41 18.38
CA PRO A 7 22.29 4.42 19.38
C PRO A 7 21.16 3.89 20.26
N GLU A 8 20.19 4.75 20.58
CA GLU A 8 19.02 4.36 21.37
C GLU A 8 18.13 3.29 20.73
N ARG A 9 18.19 3.17 19.40
CA ARG A 9 17.43 2.13 18.68
C ARG A 9 18.09 0.75 18.64
N VAL A 10 19.33 0.64 19.13
CA VAL A 10 20.00 -0.65 19.19
C VAL A 10 19.55 -1.31 20.48
N TRP A 11 18.97 -2.51 20.37
CA TRP A 11 18.48 -3.24 21.55
C TRP A 11 19.65 -3.58 22.49
N PRO A 12 19.60 -3.13 23.76
CA PRO A 12 20.67 -3.44 24.73
C PRO A 12 21.04 -4.92 24.80
N ASP A 13 22.35 -5.20 24.64
CA ASP A 13 22.90 -6.57 24.67
C ASP A 13 22.32 -7.52 23.61
N GLY A 14 21.71 -6.96 22.56
CA GLY A 14 21.03 -7.77 21.54
C GLY A 14 19.77 -8.51 21.98
N VAL A 15 19.24 -8.18 23.17
CA VAL A 15 18.11 -8.91 23.76
C VAL A 15 16.78 -8.26 23.35
N ILE A 16 15.95 -9.05 22.65
CA ILE A 16 14.69 -8.56 22.10
C ILE A 16 13.55 -9.41 22.65
N PRO A 17 12.84 -8.89 23.68
CA PRO A 17 11.69 -9.64 24.18
C PRO A 17 10.53 -9.59 23.18
N PHE A 18 9.75 -10.67 23.10
CA PHE A 18 8.64 -10.74 22.14
C PHE A 18 7.36 -11.29 22.75
N VAL A 19 6.24 -10.89 22.16
CA VAL A 19 4.93 -11.46 22.42
C VAL A 19 4.32 -11.79 21.06
N ILE A 20 3.77 -13.00 20.91
CA ILE A 20 2.98 -13.34 19.73
C ILE A 20 1.52 -13.07 20.04
N GLY A 21 0.90 -12.19 19.25
CA GLY A 21 -0.49 -11.80 19.44
C GLY A 21 -1.46 -12.92 19.12
N GLY A 22 -2.73 -12.68 19.42
CA GLY A 22 -3.79 -13.60 19.05
C GLY A 22 -4.04 -13.57 17.55
N ASN A 23 -4.94 -14.44 17.11
CA ASN A 23 -5.35 -14.57 15.69
C ASN A 23 -4.26 -15.13 14.76
N PHE A 24 -3.23 -15.76 15.32
CA PHE A 24 -2.28 -16.52 14.51
C PHE A 24 -2.48 -18.01 14.76
N THR A 25 -2.32 -18.81 13.72
CA THR A 25 -2.41 -20.26 13.85
C THR A 25 -1.13 -20.78 14.48
N GLY A 26 -1.17 -22.03 14.93
CA GLY A 26 0.03 -22.71 15.42
C GLY A 26 1.16 -22.69 14.39
N SER A 27 0.79 -22.98 13.14
CA SER A 27 1.74 -22.98 12.02
CA SER A 27 1.74 -22.98 12.02
C SER A 27 2.42 -21.62 11.87
N GLN A 28 1.64 -20.54 11.91
CA GLN A 28 2.19 -19.19 11.81
C GLN A 28 3.09 -18.84 13.00
N ARG A 29 2.66 -19.23 14.20
CA ARG A 29 3.46 -19.02 15.41
C ARG A 29 4.84 -19.69 15.32
N ALA A 30 4.87 -20.91 14.80
CA ALA A 30 6.12 -21.65 14.59
C ALA A 30 7.05 -20.95 13.59
N VAL A 31 6.48 -20.44 12.49
CA VAL A 31 7.27 -19.69 11.51
C VAL A 31 7.90 -18.45 12.16
N PHE A 32 7.16 -17.77 13.03
CA PHE A 32 7.72 -16.59 13.73
C PHE A 32 8.91 -17.01 14.58
N ARG A 33 8.77 -18.12 15.29
CA ARG A 33 9.85 -18.68 16.07
C ARG A 33 11.08 -19.03 15.22
N GLN A 34 10.85 -19.65 14.08
CA GLN A 34 11.92 -20.05 13.17
C GLN A 34 12.65 -18.86 12.56
N ALA A 35 11.89 -17.84 12.18
CA ALA A 35 12.50 -16.60 11.66
C ALA A 35 13.38 -15.92 12.71
N MET A 36 12.90 -15.86 13.95
CA MET A 36 13.73 -15.37 15.05
C MET A 36 14.97 -16.22 15.29
N ARG A 37 14.82 -17.54 15.24
CA ARG A 37 15.95 -18.47 15.40
C ARG A 37 17.01 -18.26 14.31
N HIS A 38 16.55 -18.03 13.08
CA HIS A 38 17.44 -17.76 11.95
C HIS A 38 18.36 -16.56 12.21
N TRP A 39 17.77 -15.48 12.76
CA TRP A 39 18.55 -14.33 13.22
C TRP A 39 19.54 -14.69 14.34
N GLU A 40 19.08 -15.50 15.29
CA GLU A 40 19.90 -15.95 16.42
C GLU A 40 21.09 -16.82 16.01
N LYS A 41 20.92 -17.66 14.98
CA LYS A 41 21.97 -18.61 14.60
C LYS A 41 23.22 -17.92 14.07
N HIS A 42 23.03 -16.81 13.36
CA HIS A 42 24.09 -16.12 12.64
C HIS A 42 24.62 -14.85 13.32
N THR A 43 23.94 -14.39 14.37
CA THR A 43 24.32 -13.16 15.09
C THR A 43 24.26 -13.37 16.61
N CYS A 44 24.61 -12.34 17.37
CA CYS A 44 24.50 -12.36 18.84
C CYS A 44 23.15 -11.83 19.35
N VAL A 45 22.22 -11.55 18.44
CA VAL A 45 20.87 -11.14 18.82
C VAL A 45 20.15 -12.35 19.40
N THR A 46 19.37 -12.13 20.45
CA THR A 46 18.55 -13.17 21.08
C THR A 46 17.13 -12.67 21.29
N PHE A 47 16.17 -13.56 21.04
CA PHE A 47 14.75 -13.30 21.22
C PHE A 47 14.23 -14.11 22.41
N LEU A 48 13.54 -13.43 23.31
CA LEU A 48 13.09 -13.99 24.59
C LEU A 48 11.60 -13.73 24.73
N GLU A 49 10.87 -14.69 25.30
CA GLU A 49 9.45 -14.45 25.62
C GLU A 49 9.36 -13.35 26.66
N ARG A 50 8.56 -12.32 26.39
CA ARG A 50 8.45 -11.18 27.28
C ARG A 50 7.72 -11.55 28.56
N THR A 51 8.22 -11.06 29.69
CA THR A 51 7.60 -11.23 31.00
C THR A 51 7.18 -9.87 31.53
N ASP A 52 8.12 -9.07 32.01
CA ASP A 52 7.84 -7.75 32.57
C ASP A 52 8.69 -6.60 31.98
N GLU A 53 9.29 -6.84 30.81
CA GLU A 53 10.12 -5.82 30.16
C GLU A 53 9.23 -4.72 29.63
N ASP A 54 9.66 -3.46 29.78
CA ASP A 54 8.89 -2.31 29.29
C ASP A 54 8.89 -2.25 27.77
N SER A 55 10.02 -2.59 27.17
CA SER A 55 10.19 -2.54 25.71
C SER A 55 10.25 -3.95 25.11
N TYR A 56 9.41 -4.19 24.11
CA TYR A 56 9.29 -5.50 23.48
C TYR A 56 8.53 -5.41 22.17
N ILE A 57 8.67 -6.44 21.33
CA ILE A 57 7.96 -6.51 20.06
C ILE A 57 6.69 -7.33 20.20
N VAL A 58 5.67 -6.98 19.43
CA VAL A 58 4.41 -7.69 19.39
C VAL A 58 4.12 -8.10 17.95
N PHE A 59 4.10 -9.42 17.69
CA PHE A 59 3.65 -9.94 16.41
C PHE A 59 2.16 -9.65 16.34
N THR A 60 1.80 -8.72 15.45
CA THR A 60 0.48 -8.10 15.42
C THR A 60 -0.20 -8.50 14.12
N TYR A 61 -1.34 -9.17 14.23
CA TYR A 61 -2.11 -9.57 13.06
C TYR A 61 -2.84 -8.36 12.47
N ARG A 62 -2.45 -7.96 11.27
CA ARG A 62 -3.12 -6.91 10.52
C ARG A 62 -2.75 -7.02 9.03
N PRO A 63 -3.52 -6.37 8.13
CA PRO A 63 -3.19 -6.52 6.71
C PRO A 63 -1.77 -6.08 6.39
N CYS A 64 -1.17 -6.72 5.39
CA CYS A 64 0.21 -6.45 5.03
C CYS A 64 0.37 -4.98 4.64
N GLY A 65 1.46 -4.38 5.12
CA GLY A 65 1.74 -2.97 4.87
C GLY A 65 2.21 -2.31 6.15
N CYS A 66 1.59 -1.20 6.50
CA CYS A 66 2.03 -0.41 7.63
C CYS A 66 1.66 -1.09 8.95
N CYS A 67 2.57 -1.23 9.91
CA CYS A 67 4.00 -0.85 9.85
C CYS A 67 4.73 -1.72 10.86
N SER A 68 6.03 -1.91 10.65
CA SER A 68 6.90 -2.57 11.61
C SER A 68 7.98 -1.60 12.05
N TYR A 69 8.09 -1.39 13.36
CA TYR A 69 9.00 -0.37 13.88
C TYR A 69 10.46 -0.77 13.64
N VAL A 70 11.29 0.22 13.31
CA VAL A 70 12.71 -0.01 13.02
C VAL A 70 13.54 0.26 14.27
N GLY A 71 14.19 -0.80 14.78
CA GLY A 71 14.99 -0.71 15.99
C GLY A 71 14.13 -0.72 17.23
N ARG A 72 14.74 -0.40 18.36
CA ARG A 72 14.05 -0.38 19.66
C ARG A 72 13.34 0.95 19.85
N ARG A 73 12.03 0.92 19.93
CA ARG A 73 11.23 2.13 20.16
C ARG A 73 11.48 2.70 21.55
N GLY A 74 11.42 1.83 22.55
CA GLY A 74 11.66 2.24 23.94
C GLY A 74 10.40 2.74 24.61
N GLY A 75 10.34 2.58 25.93
CA GLY A 75 9.23 3.09 26.73
C GLY A 75 7.88 2.41 26.54
N GLY A 76 7.86 1.25 25.90
CA GLY A 76 6.61 0.57 25.56
C GLY A 76 6.73 -0.43 24.42
N PRO A 77 5.63 -1.11 24.08
CA PRO A 77 5.65 -2.09 22.99
C PRO A 77 5.73 -1.47 21.60
N GLN A 78 6.05 -2.32 20.63
CA GLN A 78 6.09 -1.91 19.23
C GLN A 78 5.65 -3.08 18.38
N ALA A 79 5.08 -2.75 17.22
CA ALA A 79 4.54 -3.76 16.32
C ALA A 79 5.59 -4.30 15.35
N ILE A 80 5.50 -5.61 15.13
CA ILE A 80 5.98 -6.26 13.91
C ILE A 80 4.69 -6.82 13.31
N SER A 81 4.30 -6.28 12.17
CA SER A 81 2.95 -6.51 11.62
C SER A 81 2.97 -7.62 10.58
N ILE A 82 2.08 -8.61 10.74
CA ILE A 82 2.00 -9.75 9.83
C ILE A 82 0.55 -10.01 9.46
N GLY A 83 0.31 -10.21 8.16
CA GLY A 83 -1.01 -10.59 7.66
C GLY A 83 -0.94 -11.83 6.79
N LYS A 84 -2.11 -12.23 6.29
CA LYS A 84 -2.28 -13.45 5.49
C LYS A 84 -1.34 -13.57 4.29
N ASN A 85 -1.06 -12.45 3.63
CA ASN A 85 -0.20 -12.44 2.44
C ASN A 85 1.28 -12.09 2.69
N CYS A 86 1.69 -12.07 3.95
CA CYS A 86 3.09 -11.77 4.28
C CYS A 86 3.53 -12.47 5.56
N ASP A 87 3.16 -13.74 5.67
CA ASP A 87 3.46 -14.55 6.85
C ASP A 87 4.55 -15.60 6.64
N LYS A 88 5.10 -15.70 5.42
CA LYS A 88 6.14 -16.69 5.14
C LYS A 88 7.45 -16.33 5.82
N PHE A 89 8.23 -17.37 6.13
CA PHE A 89 9.51 -17.26 6.81
C PHE A 89 10.37 -16.07 6.35
N GLY A 90 10.66 -15.99 5.07
CA GLY A 90 11.55 -14.96 4.54
C GLY A 90 11.05 -13.54 4.72
N ILE A 91 9.73 -13.37 4.67
CA ILE A 91 9.12 -12.06 4.92
C ILE A 91 9.25 -11.70 6.39
N VAL A 92 9.04 -12.68 7.27
CA VAL A 92 9.19 -12.44 8.71
C VAL A 92 10.66 -12.12 9.03
N VAL A 93 11.60 -12.79 8.39
CA VAL A 93 13.03 -12.50 8.55
C VAL A 93 13.32 -11.03 8.15
N HIS A 94 12.75 -10.59 7.04
CA HIS A 94 12.83 -9.19 6.59
C HIS A 94 12.27 -8.24 7.65
N GLU A 95 11.07 -8.51 8.14
CA GLU A 95 10.45 -7.64 9.12
C GLU A 95 11.22 -7.63 10.44
N LEU A 96 11.83 -8.77 10.79
CA LEU A 96 12.73 -8.80 11.94
C LEU A 96 14.01 -7.99 11.70
N GLY A 97 14.42 -7.86 10.44
CA GLY A 97 15.45 -6.89 10.05
C GLY A 97 15.11 -5.47 10.46
N HIS A 98 13.85 -5.06 10.26
CA HIS A 98 13.39 -3.77 10.80
C HIS A 98 13.54 -3.75 12.32
N VAL A 99 13.03 -4.78 13.00
CA VAL A 99 13.10 -4.83 14.46
C VAL A 99 14.52 -4.59 14.98
N VAL A 100 15.50 -5.27 14.38
CA VAL A 100 16.88 -5.17 14.87
C VAL A 100 17.54 -3.82 14.55
N GLY A 101 17.00 -3.08 13.59
CA GLY A 101 17.43 -1.72 13.30
C GLY A 101 17.76 -1.37 11.87
N PHE A 102 17.27 -2.15 10.90
CA PHE A 102 17.54 -1.90 9.49
C PHE A 102 16.35 -1.29 8.79
N TRP A 103 16.62 -0.22 8.02
CA TRP A 103 15.68 0.29 7.03
C TRP A 103 15.88 -0.50 5.73
N HIS A 104 15.08 -0.20 4.72
CA HIS A 104 15.25 -0.87 3.42
C HIS A 104 16.59 -0.49 2.77
N GLU A 105 17.27 -1.49 2.22
CA GLU A 105 18.60 -1.30 1.63
C GLU A 105 18.64 -0.21 0.58
N HIS A 106 17.62 -0.15 -0.28
CA HIS A 106 17.60 0.85 -1.36
C HIS A 106 17.48 2.29 -0.88
N THR A 107 17.20 2.51 0.41
CA THR A 107 17.11 3.86 0.98
C THR A 107 18.43 4.33 1.60
N ARG A 108 19.50 3.54 1.48
CA ARG A 108 20.81 4.00 1.94
C ARG A 108 21.16 5.35 1.30
N PRO A 109 21.78 6.25 2.07
CA PRO A 109 22.23 7.51 1.51
C PRO A 109 23.15 7.40 0.27
N ASP A 110 23.89 6.30 0.16
CA ASP A 110 24.77 6.07 -1.00
C ASP A 110 24.12 5.25 -2.13
N ARG A 111 22.81 5.04 -2.07
CA ARG A 111 22.17 4.08 -2.98
C ARG A 111 22.25 4.47 -4.46
N ASP A 112 22.36 5.76 -4.78
CA ASP A 112 22.38 6.18 -6.17
C ASP A 112 23.64 5.76 -6.92
N ARG A 113 24.67 5.35 -6.19
CA ARG A 113 25.85 4.75 -6.81
C ARG A 113 25.62 3.29 -7.21
N HIS A 114 24.55 2.67 -6.71
CA HIS A 114 24.34 1.22 -6.84
C HIS A 114 23.10 0.81 -7.61
N VAL A 115 22.02 1.58 -7.48
CA VAL A 115 20.77 1.31 -8.19
C VAL A 115 20.22 2.57 -8.85
N SER A 116 19.51 2.37 -9.96
CA SER A 116 18.68 3.40 -10.56
C SER A 116 17.25 3.16 -10.12
N ILE A 117 16.55 4.25 -9.80
CA ILE A 117 15.11 4.19 -9.54
C ILE A 117 14.42 4.67 -10.81
N VAL A 118 13.52 3.85 -11.34
CA VAL A 118 12.78 4.20 -12.57
C VAL A 118 11.43 4.79 -12.15
N ARG A 119 11.42 6.10 -11.93
CA ARG A 119 10.28 6.80 -11.33
C ARG A 119 8.99 6.63 -12.11
N GLU A 120 9.10 6.65 -13.43
CA GLU A 120 7.94 6.49 -14.31
C GLU A 120 7.19 5.17 -14.15
N ASN A 121 7.85 4.15 -13.59
CA ASN A 121 7.20 2.86 -13.34
C ASN A 121 6.65 2.67 -11.94
N ILE A 122 6.84 3.64 -11.04
CA ILE A 122 6.30 3.50 -9.69
C ILE A 122 4.78 3.78 -9.70
N GLN A 123 4.03 2.96 -9.00
CA GLN A 123 2.60 3.22 -8.78
C GLN A 123 2.40 4.63 -8.24
N PRO A 124 1.55 5.47 -8.88
CA PRO A 124 1.36 6.82 -8.34
C PRO A 124 0.89 6.81 -6.89
N GLY A 125 1.55 7.62 -6.07
CA GLY A 125 1.31 7.66 -4.63
C GLY A 125 2.22 6.81 -3.77
N GLN A 126 3.03 5.94 -4.39
CA GLN A 126 3.96 5.07 -3.67
C GLN A 126 5.43 5.51 -3.84
N GLU A 127 5.65 6.64 -4.51
CA GLU A 127 7.02 7.12 -4.77
C GLU A 127 7.78 7.38 -3.48
N TYR A 128 7.09 7.81 -2.43
CA TYR A 128 7.76 8.10 -1.15
C TYR A 128 8.56 6.93 -0.58
N ASN A 129 8.15 5.70 -0.93
CA ASN A 129 8.87 4.49 -0.50
C ASN A 129 10.27 4.38 -1.10
N PHE A 130 10.57 5.20 -2.09
CA PHE A 130 11.87 5.19 -2.76
C PHE A 130 12.79 6.33 -2.36
N LEU A 131 12.35 7.22 -1.48
CA LEU A 131 13.23 8.27 -0.97
C LEU A 131 14.39 7.70 -0.18
N LYS A 132 15.57 8.27 -0.37
CA LYS A 132 16.71 7.96 0.47
C LYS A 132 16.43 8.41 1.90
N MET A 133 16.97 7.67 2.86
CA MET A 133 17.08 8.15 4.23
C MET A 133 18.06 9.30 4.21
N GLU A 134 17.80 10.30 5.05
CA GLU A 134 18.72 11.42 5.18
C GLU A 134 20.03 10.91 5.82
N PRO A 135 21.17 11.52 5.49
CA PRO A 135 22.46 10.95 5.89
C PRO A 135 22.68 10.80 7.40
N GLN A 136 22.07 11.68 8.20
CA GLN A 136 22.14 11.56 9.66
C GLN A 136 21.37 10.38 10.26
N GLU A 137 20.54 9.70 9.45
CA GLU A 137 19.68 8.62 9.97
C GLU A 137 20.24 7.22 9.76
N VAL A 138 21.26 7.07 8.92
CA VAL A 138 21.85 5.75 8.61
C VAL A 138 23.35 5.81 8.78
N GLU A 139 23.90 4.74 9.38
CA GLU A 139 25.35 4.54 9.47
C GLU A 139 25.58 3.12 9.00
N SER A 140 26.17 2.98 7.81
CA SER A 140 26.36 1.67 7.19
C SER A 140 27.51 0.84 7.75
N LEU A 141 28.30 1.40 8.67
CA LEU A 141 29.34 0.67 9.39
C LEU A 141 30.43 0.11 8.46
N GLY A 142 30.75 0.88 7.43
CA GLY A 142 31.77 0.49 6.44
C GLY A 142 31.40 -0.66 5.52
N GLU A 143 30.12 -1.05 5.52
CA GLU A 143 29.66 -2.21 4.76
C GLU A 143 29.16 -1.76 3.39
N THR A 144 29.50 -2.55 2.38
CA THR A 144 29.11 -2.27 1.00
C THR A 144 27.60 -2.42 0.84
N TYR A 145 27.07 -1.68 -0.13
CA TYR A 145 25.68 -1.84 -0.56
C TYR A 145 25.41 -3.29 -0.92
N ASP A 146 24.36 -3.87 -0.33
CA ASP A 146 24.15 -5.31 -0.41
C ASP A 146 22.91 -5.65 -1.26
N PHE A 147 23.14 -6.02 -2.52
CA PHE A 147 22.06 -6.40 -3.44
C PHE A 147 21.33 -7.65 -2.98
N ASP A 148 22.02 -8.51 -2.25
CA ASP A 148 21.44 -9.75 -1.78
C ASP A 148 20.75 -9.62 -0.42
N SER A 149 20.67 -8.42 0.13
CA SER A 149 20.08 -8.23 1.45
C SER A 149 18.62 -8.66 1.51
N ILE A 150 18.23 -9.26 2.63
CA ILE A 150 16.83 -9.55 2.92
C ILE A 150 16.00 -8.26 2.99
N MET A 151 16.67 -7.12 3.16
CA MET A 151 16.04 -5.80 3.21
C MET A 151 15.97 -5.11 1.86
N HIS A 152 16.42 -5.76 0.79
CA HIS A 152 16.42 -5.14 -0.54
C HIS A 152 15.10 -5.42 -1.27
N TYR A 153 14.49 -4.38 -1.81
CA TYR A 153 13.34 -4.50 -2.70
C TYR A 153 13.64 -5.38 -3.91
N ALA A 154 12.59 -6.01 -4.44
CA ALA A 154 12.66 -6.67 -5.73
C ALA A 154 12.69 -5.63 -6.84
N ARG A 155 13.01 -6.07 -8.05
CA ARG A 155 13.10 -5.20 -9.21
C ARG A 155 11.83 -4.42 -9.56
N ASN A 156 10.68 -4.97 -9.19
CA ASN A 156 9.36 -4.43 -9.55
C ASN A 156 8.48 -4.15 -8.33
N THR A 157 9.12 -3.92 -7.18
CA THR A 157 8.37 -3.53 -5.99
C THR A 157 7.67 -2.19 -6.24
N PHE A 158 6.39 -2.13 -5.89
CA PHE A 158 5.55 -0.96 -6.13
C PHE A 158 5.48 -0.53 -7.59
N SER A 159 5.65 -1.46 -8.51
CA SER A 159 5.60 -1.13 -9.94
C SER A 159 4.18 -1.07 -10.45
N ARG A 160 3.98 -0.28 -11.49
CA ARG A 160 2.71 -0.24 -12.23
C ARG A 160 2.37 -1.60 -12.86
N GLY A 161 3.38 -2.41 -13.17
CA GLY A 161 3.15 -3.73 -13.75
C GLY A 161 4.32 -4.64 -13.47
N ILE A 162 4.07 -5.94 -13.44
CA ILE A 162 5.12 -6.89 -13.06
C ILE A 162 6.32 -6.92 -14.01
N PHE A 163 6.10 -6.58 -15.28
CA PHE A 163 7.19 -6.50 -16.26
C PHE A 163 7.84 -5.12 -16.36
N LEU A 164 7.49 -4.20 -15.46
CA LEU A 164 8.10 -2.89 -15.40
C LEU A 164 8.97 -2.82 -14.15
N ASP A 165 10.26 -2.53 -14.32
CA ASP A 165 11.17 -2.39 -13.17
C ASP A 165 11.08 -1.02 -12.56
N THR A 166 11.07 -0.98 -11.24
CA THR A 166 11.24 0.26 -10.48
C THR A 166 12.67 0.44 -9.97
N ILE A 167 13.43 -0.66 -9.83
CA ILE A 167 14.82 -0.59 -9.34
C ILE A 167 15.69 -1.45 -10.24
N VAL A 168 16.81 -0.86 -10.69
CA VAL A 168 17.73 -1.52 -11.62
C VAL A 168 19.16 -1.33 -11.10
N PRO A 169 19.83 -2.43 -10.72
CA PRO A 169 21.25 -2.31 -10.35
C PRO A 169 22.08 -1.68 -11.47
N LYS A 170 23.05 -0.86 -11.08
CA LYS A 170 23.80 -0.04 -12.04
C LYS A 170 24.96 -0.74 -12.72
N TYR A 171 25.44 -1.86 -12.15
CA TYR A 171 26.63 -2.55 -12.66
C TYR A 171 26.56 -4.05 -12.39
N GLU A 172 27.47 -4.80 -13.00
CA GLU A 172 27.50 -6.26 -12.88
C GLU A 172 28.35 -6.77 -11.71
N VAL A 173 27.93 -7.92 -11.16
CA VAL A 173 28.63 -8.63 -10.09
C VAL A 173 28.74 -10.09 -10.53
N ASN A 174 29.97 -10.59 -10.65
CA ASN A 174 30.24 -11.93 -11.21
C ASN A 174 29.73 -12.05 -12.65
N GLY A 175 29.98 -11.02 -13.45
CA GLY A 175 29.59 -10.97 -14.85
C GLY A 175 28.09 -10.94 -15.17
N VAL A 176 27.26 -10.69 -14.15
CA VAL A 176 25.81 -10.64 -14.34
C VAL A 176 25.26 -9.53 -13.46
N LYS A 177 24.13 -8.97 -13.86
CA LYS A 177 23.44 -8.00 -13.00
C LYS A 177 22.98 -8.72 -11.72
N PRO A 178 23.27 -8.11 -10.55
CA PRO A 178 22.93 -8.74 -9.27
C PRO A 178 21.43 -8.92 -9.11
N PRO A 179 20.98 -10.15 -8.76
CA PRO A 179 19.57 -10.32 -8.44
C PRO A 179 19.25 -9.60 -7.14
N ILE A 180 18.06 -9.01 -7.07
CA ILE A 180 17.60 -8.27 -5.90
C ILE A 180 16.23 -8.79 -5.47
N GLY A 181 15.99 -8.74 -4.16
CA GLY A 181 14.67 -9.03 -3.62
C GLY A 181 14.48 -10.40 -3.04
N GLN A 182 15.56 -11.12 -2.79
CA GLN A 182 15.44 -12.47 -2.23
C GLN A 182 14.80 -12.43 -0.85
N ARG A 183 13.88 -13.35 -0.60
CA ARG A 183 13.27 -13.51 0.73
C ARG A 183 13.39 -14.97 1.14
N THR A 184 14.63 -15.46 1.09
CA THR A 184 14.95 -16.85 1.43
C THR A 184 15.71 -16.93 2.76
N ARG A 185 16.74 -16.09 2.94
CA ARG A 185 17.58 -16.15 4.12
C ARG A 185 18.42 -14.88 4.22
N LEU A 186 18.98 -14.64 5.39
CA LEU A 186 19.91 -13.55 5.59
C LEU A 186 21.11 -13.72 4.68
N SER A 187 21.50 -12.63 4.03
CA SER A 187 22.69 -12.63 3.20
C SER A 187 23.94 -12.56 4.06
N LYS A 188 25.07 -12.85 3.43
CA LYS A 188 26.38 -12.66 4.07
C LYS A 188 26.50 -11.22 4.59
N GLY A 189 26.06 -10.26 3.78
CA GLY A 189 26.10 -8.84 4.15
C GLY A 189 25.20 -8.48 5.32
N ASP A 190 23.99 -9.04 5.37
CA ASP A 190 23.08 -8.79 6.49
C ASP A 190 23.70 -9.24 7.81
N ILE A 191 24.29 -10.43 7.78
CA ILE A 191 24.91 -11.03 8.96
C ILE A 191 26.11 -10.20 9.39
N ALA A 192 26.98 -9.87 8.44
CA ALA A 192 28.18 -9.09 8.74
C ALA A 192 27.85 -7.72 9.33
N GLN A 193 26.81 -7.09 8.77
CA GLN A 193 26.40 -5.77 9.22
C GLN A 193 25.66 -5.79 10.56
N ALA A 194 24.81 -6.79 10.77
CA ALA A 194 24.14 -6.97 12.07
C ALA A 194 25.16 -7.23 13.19
N ARG A 195 26.19 -8.03 12.89
CA ARG A 195 27.26 -8.29 13.86
C ARG A 195 28.01 -7.02 14.26
N LYS A 196 28.27 -6.15 13.28
CA LYS A 196 28.88 -4.84 13.56
C LYS A 196 27.96 -3.95 14.38
N LEU A 197 26.68 -3.89 13.99
CA LEU A 197 25.69 -3.09 14.70
C LEU A 197 25.53 -3.49 16.17
N TYR A 198 25.55 -4.80 16.43
CA TYR A 198 25.41 -5.33 17.79
C TYR A 198 26.74 -5.69 18.47
N LYS A 199 27.85 -5.34 17.82
CA LYS A 199 29.19 -5.50 18.39
C LYS A 199 29.41 -6.93 18.89
N CYS A 200 29.04 -7.89 18.04
CA CYS A 200 29.05 -9.29 18.42
C CYS A 200 30.48 -9.79 18.55
N PRO A 201 30.76 -10.68 19.53
CA PRO A 201 32.09 -11.29 19.66
C PRO A 201 32.54 -12.02 18.38
N ALA A 202 33.82 -11.89 18.04
CA ALA A 202 34.39 -12.53 16.85
C ALA A 202 34.68 -14.00 17.12
N ALA B 2 -17.79 8.14 0.73
CA ALA B 2 -18.90 9.10 0.43
C ALA B 2 -19.64 8.65 -0.82
N ALA B 3 -20.96 8.52 -0.74
CA ALA B 3 -21.75 8.07 -1.88
C ALA B 3 -22.77 9.11 -2.30
N THR B 4 -23.28 8.98 -3.51
CA THR B 4 -24.36 9.84 -4.00
C THR B 4 -25.61 9.69 -3.16
N SER B 5 -26.27 10.82 -2.92
CA SER B 5 -27.56 10.86 -2.23
C SER B 5 -28.75 10.79 -3.19
N ARG B 6 -28.48 10.70 -4.49
CA ARG B 6 -29.53 10.78 -5.50
C ARG B 6 -30.01 9.37 -5.84
N PRO B 7 -31.29 9.05 -5.51
CA PRO B 7 -31.75 7.68 -5.73
C PRO B 7 -31.71 7.23 -7.18
N GLU B 8 -31.93 8.15 -8.12
CA GLU B 8 -31.85 7.85 -9.56
C GLU B 8 -30.46 7.38 -10.02
N ARG B 9 -29.41 7.76 -9.29
CA ARG B 9 -28.04 7.35 -9.62
C ARG B 9 -27.64 5.99 -9.06
N VAL B 10 -28.49 5.40 -8.21
CA VAL B 10 -28.22 4.09 -7.65
C VAL B 10 -28.77 3.05 -8.64
N TRP B 11 -27.93 2.13 -9.10
CA TRP B 11 -28.34 1.15 -10.10
C TRP B 11 -29.46 0.25 -9.53
N PRO B 12 -30.62 0.18 -10.24
CA PRO B 12 -31.74 -0.62 -9.70
C PRO B 12 -31.34 -2.05 -9.36
N ASP B 13 -31.65 -2.43 -8.12
CA ASP B 13 -31.35 -3.75 -7.56
CA ASP B 13 -31.36 -3.77 -7.59
C ASP B 13 -29.87 -4.13 -7.62
N GLY B 14 -29.00 -3.11 -7.72
CA GLY B 14 -27.56 -3.35 -7.80
C GLY B 14 -27.08 -4.01 -9.08
N VAL B 15 -27.90 -4.00 -10.13
CA VAL B 15 -27.56 -4.69 -11.37
C VAL B 15 -26.91 -3.68 -12.32
N ILE B 16 -25.67 -3.98 -12.74
CA ILE B 16 -24.90 -3.12 -13.64
C ILE B 16 -24.50 -3.95 -14.86
N PRO B 17 -25.30 -3.88 -15.93
CA PRO B 17 -24.89 -4.57 -17.14
C PRO B 17 -23.68 -3.88 -17.77
N PHE B 18 -22.84 -4.64 -18.47
CA PHE B 18 -21.64 -4.10 -19.09
C PHE B 18 -21.38 -4.66 -20.47
N VAL B 19 -20.66 -3.86 -21.24
CA VAL B 19 -20.07 -4.26 -22.51
C VAL B 19 -18.62 -3.83 -22.49
N ILE B 20 -17.75 -4.61 -23.11
CA ILE B 20 -16.36 -4.21 -23.32
C ILE B 20 -16.22 -3.78 -24.78
N GLY B 21 -15.76 -2.55 -24.98
CA GLY B 21 -15.57 -2.00 -26.31
C GLY B 21 -14.41 -2.61 -27.05
N GLY B 22 -14.12 -2.09 -28.23
CA GLY B 22 -13.07 -2.60 -29.07
C GLY B 22 -11.68 -2.19 -28.63
N ASN B 23 -10.71 -2.94 -29.12
CA ASN B 23 -9.28 -2.63 -29.05
C ASN B 23 -8.62 -2.78 -27.68
N PHE B 24 -9.11 -3.73 -26.89
CA PHE B 24 -8.42 -4.15 -25.67
C PHE B 24 -7.81 -5.52 -25.87
N THR B 25 -6.69 -5.76 -25.22
CA THR B 25 -6.07 -7.08 -25.28
C THR B 25 -6.89 -8.03 -24.42
N GLY B 26 -6.73 -9.33 -24.66
CA GLY B 26 -7.36 -10.35 -23.83
C GLY B 26 -7.03 -10.17 -22.35
N SER B 27 -5.78 -9.82 -22.07
CA SER B 27 -5.33 -9.58 -20.71
C SER B 27 -6.03 -8.37 -20.09
N GLN B 28 -6.15 -7.29 -20.85
CA GLN B 28 -6.88 -6.11 -20.38
C GLN B 28 -8.32 -6.43 -20.07
N ARG B 29 -8.98 -7.19 -20.93
CA ARG B 29 -10.36 -7.57 -20.71
C ARG B 29 -10.48 -8.42 -19.45
N ALA B 30 -9.51 -9.30 -19.23
CA ALA B 30 -9.48 -10.10 -18.01
C ALA B 30 -9.36 -9.24 -16.74
N VAL B 31 -8.59 -8.16 -16.80
CA VAL B 31 -8.51 -7.22 -15.68
C VAL B 31 -9.88 -6.60 -15.40
N PHE B 32 -10.60 -6.21 -16.45
CA PHE B 32 -11.94 -5.62 -16.24
C PHE B 32 -12.84 -6.61 -15.54
N ARG B 33 -12.84 -7.86 -16.01
CA ARG B 33 -13.65 -8.89 -15.37
C ARG B 33 -13.22 -9.18 -13.92
N GLN B 34 -11.91 -9.19 -13.67
CA GLN B 34 -11.35 -9.38 -12.32
CA GLN B 34 -11.33 -9.37 -12.32
C GLN B 34 -11.82 -8.26 -11.38
N ALA B 35 -11.80 -7.02 -11.88
CA ALA B 35 -12.21 -5.86 -11.08
C ALA B 35 -13.70 -5.91 -10.74
N MET B 36 -14.52 -6.25 -11.71
CA MET B 36 -15.95 -6.45 -11.47
C MET B 36 -16.22 -7.59 -10.50
N ARG B 37 -15.49 -8.71 -10.64
CA ARG B 37 -15.65 -9.84 -9.72
C ARG B 37 -15.25 -9.49 -8.29
N HIS B 38 -14.22 -8.66 -8.15
CA HIS B 38 -13.79 -8.19 -6.84
C HIS B 38 -14.93 -7.44 -6.13
N TRP B 39 -15.59 -6.53 -6.84
CA TRP B 39 -16.80 -5.88 -6.30
C TRP B 39 -17.89 -6.88 -5.91
N GLU B 40 -18.11 -7.89 -6.73
CA GLU B 40 -19.15 -8.89 -6.50
C GLU B 40 -18.88 -9.80 -5.31
N LYS B 41 -17.61 -10.08 -5.05
CA LYS B 41 -17.24 -11.02 -3.98
C LYS B 41 -17.58 -10.49 -2.60
N HIS B 42 -17.62 -9.16 -2.46
CA HIS B 42 -17.81 -8.52 -1.16
C HIS B 42 -19.13 -7.76 -0.98
N THR B 43 -19.94 -7.68 -2.04
CA THR B 43 -21.17 -6.90 -2.01
C THR B 43 -22.26 -7.63 -2.79
N CYS B 44 -23.47 -7.05 -2.81
CA CYS B 44 -24.57 -7.62 -3.56
C CYS B 44 -24.72 -7.03 -4.98
N VAL B 45 -23.75 -6.25 -5.43
CA VAL B 45 -23.77 -5.68 -6.79
C VAL B 45 -23.54 -6.81 -7.80
N THR B 46 -24.27 -6.75 -8.92
CA THR B 46 -24.16 -7.75 -9.99
C THR B 46 -23.69 -7.06 -11.25
N PHE B 47 -22.52 -7.47 -11.74
CA PHE B 47 -22.06 -7.08 -13.07
C PHE B 47 -22.32 -8.25 -14.01
N LEU B 48 -23.02 -8.02 -15.12
CA LEU B 48 -23.27 -9.09 -16.11
C LEU B 48 -23.25 -8.54 -17.51
N GLU B 49 -22.92 -9.42 -18.46
CA GLU B 49 -22.84 -9.00 -19.85
C GLU B 49 -24.20 -8.51 -20.28
N ARG B 50 -24.22 -7.31 -20.86
CA ARG B 50 -25.45 -6.69 -21.30
C ARG B 50 -26.03 -7.43 -22.49
N THR B 51 -27.35 -7.58 -22.50
CA THR B 51 -28.07 -8.20 -23.60
C THR B 51 -29.14 -7.24 -24.07
N ASP B 52 -30.19 -7.06 -23.28
CA ASP B 52 -31.35 -6.26 -23.67
C ASP B 52 -31.60 -5.03 -22.78
N GLU B 53 -30.68 -4.76 -21.85
CA GLU B 53 -30.88 -3.70 -20.86
C GLU B 53 -30.65 -2.34 -21.50
N ASP B 54 -31.47 -1.36 -21.12
CA ASP B 54 -31.39 -0.03 -21.72
C ASP B 54 -30.15 0.76 -21.27
N SER B 55 -29.85 0.72 -19.98
CA SER B 55 -28.70 1.41 -19.40
C SER B 55 -27.65 0.40 -18.96
N TYR B 56 -26.39 0.76 -19.21
CA TYR B 56 -25.27 -0.14 -18.98
C TYR B 56 -23.97 0.64 -19.10
N ILE B 57 -22.88 0.02 -18.65
CA ILE B 57 -21.55 0.61 -18.74
C ILE B 57 -20.80 0.00 -19.91
N VAL B 58 -19.90 0.78 -20.49
CA VAL B 58 -19.09 0.35 -21.62
C VAL B 58 -17.64 0.69 -21.32
N PHE B 59 -16.79 -0.34 -21.20
CA PHE B 59 -15.36 -0.13 -21.08
C PHE B 59 -14.88 0.33 -22.45
N THR B 60 -14.36 1.56 -22.52
CA THR B 60 -14.11 2.21 -23.80
C THR B 60 -12.67 2.66 -23.92
N TYR B 61 -12.02 2.26 -25.02
CA TYR B 61 -10.65 2.64 -25.33
C TYR B 61 -10.61 4.10 -25.73
N ARG B 62 -10.09 4.92 -24.82
CA ARG B 62 -9.98 6.35 -25.04
CA ARG B 62 -10.10 6.38 -24.92
C ARG B 62 -9.11 6.94 -23.94
N PRO B 63 -8.74 8.24 -24.06
CA PRO B 63 -7.85 8.80 -23.05
C PRO B 63 -8.46 8.83 -21.66
N CYS B 64 -7.59 8.71 -20.67
CA CYS B 64 -7.97 8.75 -19.25
C CYS B 64 -8.37 10.19 -18.92
N GLY B 65 -9.66 10.42 -18.69
CA GLY B 65 -10.22 11.76 -18.45
C GLY B 65 -10.11 12.19 -17.00
N CYS B 66 -10.60 13.40 -16.71
CA CYS B 66 -10.49 13.98 -15.35
C CYS B 66 -11.61 13.62 -14.39
N CYS B 67 -12.83 13.57 -14.90
CA CYS B 67 -13.99 13.91 -14.07
C CYS B 67 -15.06 12.86 -14.24
N SER B 68 -14.78 11.67 -13.70
CA SER B 68 -15.61 10.49 -13.90
C SER B 68 -17.02 10.73 -13.36
N TYR B 69 -18.02 10.32 -14.14
CA TYR B 69 -19.41 10.40 -13.73
C TYR B 69 -19.67 9.43 -12.58
N VAL B 70 -20.46 9.87 -11.60
CA VAL B 70 -20.73 9.06 -10.40
C VAL B 70 -22.16 8.54 -10.44
N GLY B 71 -22.28 7.21 -10.47
CA GLY B 71 -23.56 6.53 -10.49
C GLY B 71 -24.08 6.27 -11.89
N ARG B 72 -25.33 5.83 -11.94
CA ARG B 72 -26.03 5.52 -13.18
C ARG B 72 -26.48 6.79 -13.87
N ARG B 73 -25.99 7.01 -15.09
CA ARG B 73 -26.33 8.22 -15.86
C ARG B 73 -27.77 8.10 -16.36
N GLY B 74 -28.17 6.88 -16.74
CA GLY B 74 -29.53 6.59 -17.17
C GLY B 74 -29.74 6.96 -18.61
N GLY B 75 -30.82 6.42 -19.18
CA GLY B 75 -31.22 6.72 -20.56
C GLY B 75 -30.25 6.23 -21.62
N GLY B 76 -29.51 5.15 -21.34
CA GLY B 76 -28.59 4.56 -22.32
C GLY B 76 -27.22 4.20 -21.75
N PRO B 77 -26.29 3.83 -22.63
CA PRO B 77 -24.96 3.46 -22.18
C PRO B 77 -24.15 4.63 -21.64
N GLN B 78 -23.22 4.33 -20.75
CA GLN B 78 -22.23 5.29 -20.28
C GLN B 78 -20.86 4.67 -20.31
N ALA B 79 -19.86 5.50 -20.59
CA ALA B 79 -18.50 5.03 -20.79
C ALA B 79 -17.70 5.00 -19.51
N ILE B 80 -16.83 4.01 -19.40
CA ILE B 80 -15.69 4.05 -18.51
C ILE B 80 -14.48 4.16 -19.43
N SER B 81 -13.74 5.27 -19.33
CA SER B 81 -12.58 5.50 -20.19
C SER B 81 -11.41 4.69 -19.68
N ILE B 82 -10.84 3.85 -20.55
CA ILE B 82 -9.65 3.07 -20.22
C ILE B 82 -8.57 3.40 -21.23
N GLY B 83 -7.51 4.04 -20.75
CA GLY B 83 -6.36 4.41 -21.56
C GLY B 83 -5.10 3.84 -20.95
N LYS B 84 -3.96 4.14 -21.57
CA LYS B 84 -2.66 3.61 -21.17
C LYS B 84 -2.33 3.89 -19.70
N ASN B 85 -2.74 5.07 -19.22
CA ASN B 85 -2.44 5.50 -17.85
C ASN B 85 -3.48 5.08 -16.80
N CYS B 86 -4.44 4.23 -17.15
CA CYS B 86 -5.54 3.92 -16.20
C CYS B 86 -6.22 2.57 -16.49
N ASP B 87 -5.43 1.54 -16.76
CA ASP B 87 -5.95 0.22 -17.09
C ASP B 87 -5.59 -0.89 -16.08
N LYS B 88 -4.93 -0.53 -14.98
CA LYS B 88 -4.53 -1.53 -13.98
C LYS B 88 -5.65 -1.86 -13.02
N PHE B 89 -5.61 -3.07 -12.46
CA PHE B 89 -6.68 -3.61 -11.63
C PHE B 89 -7.25 -2.61 -10.61
N GLY B 90 -6.38 -2.07 -9.78
CA GLY B 90 -6.81 -1.19 -8.71
C GLY B 90 -7.43 0.09 -9.19
N ILE B 91 -6.93 0.61 -10.30
CA ILE B 91 -7.51 1.81 -10.90
C ILE B 91 -8.90 1.49 -11.46
N VAL B 92 -9.05 0.33 -12.10
CA VAL B 92 -10.36 -0.07 -12.59
C VAL B 92 -11.36 -0.28 -11.42
N VAL B 93 -10.89 -0.87 -10.33
CA VAL B 93 -11.75 -1.01 -9.14
C VAL B 93 -12.22 0.36 -8.66
N HIS B 94 -11.30 1.32 -8.60
CA HIS B 94 -11.63 2.71 -8.26
C HIS B 94 -12.69 3.29 -9.20
N GLU B 95 -12.47 3.14 -10.51
CA GLU B 95 -13.42 3.69 -11.48
C GLU B 95 -14.78 3.03 -11.38
N LEU B 96 -14.81 1.72 -11.13
CA LEU B 96 -16.06 1.04 -10.87
C LEU B 96 -16.73 1.57 -9.59
N GLY B 97 -15.93 1.98 -8.61
CA GLY B 97 -16.47 2.70 -7.45
C GLY B 97 -17.28 3.92 -7.85
N HIS B 98 -16.75 4.72 -8.77
CA HIS B 98 -17.55 5.84 -9.29
C HIS B 98 -18.84 5.37 -9.95
N VAL B 99 -18.74 4.35 -10.80
CA VAL B 99 -19.94 3.78 -11.46
C VAL B 99 -21.02 3.39 -10.46
N VAL B 100 -20.64 2.72 -9.38
CA VAL B 100 -21.64 2.24 -8.42
C VAL B 100 -22.23 3.38 -7.57
N GLY B 101 -21.54 4.53 -7.53
CA GLY B 101 -22.07 5.75 -6.91
C GLY B 101 -21.19 6.40 -5.85
N PHE B 102 -19.89 6.10 -5.82
CA PHE B 102 -18.97 6.65 -4.82
C PHE B 102 -18.24 7.89 -5.34
N TRP B 103 -18.14 8.90 -4.48
CA TRP B 103 -17.29 10.06 -4.67
C TRP B 103 -15.90 9.80 -4.11
N HIS B 104 -14.97 10.69 -4.44
CA HIS B 104 -13.67 10.70 -3.77
C HIS B 104 -13.81 11.00 -2.29
N GLU B 105 -13.15 10.21 -1.45
CA GLU B 105 -13.28 10.36 0.00
C GLU B 105 -12.79 11.72 0.50
N HIS B 106 -11.75 12.26 -0.11
CA HIS B 106 -11.15 13.51 0.34
C HIS B 106 -12.01 14.74 0.12
N THR B 107 -13.10 14.61 -0.63
CA THR B 107 -14.04 15.73 -0.84
C THR B 107 -15.25 15.66 0.09
N ARG B 108 -15.27 14.74 1.05
CA ARG B 108 -16.34 14.73 2.05
C ARG B 108 -16.49 16.09 2.71
N PRO B 109 -17.74 16.49 3.00
CA PRO B 109 -17.95 17.76 3.69
C PRO B 109 -17.17 17.94 4.99
N ASP B 110 -16.93 16.83 5.70
CA ASP B 110 -16.17 16.87 6.97
C ASP B 110 -14.69 16.59 6.83
N ARG B 111 -14.16 16.61 5.62
CA ARG B 111 -12.78 16.16 5.40
C ARG B 111 -11.71 17.00 6.09
N ASP B 112 -12.00 18.27 6.40
CA ASP B 112 -10.99 19.11 7.06
C ASP B 112 -10.71 18.67 8.50
N ARG B 113 -11.57 17.83 9.06
CA ARG B 113 -11.28 17.17 10.35
C ARG B 113 -10.16 16.14 10.23
N HIS B 114 -9.97 15.60 9.03
CA HIS B 114 -9.18 14.40 8.83
C HIS B 114 -7.93 14.59 7.98
N VAL B 115 -7.98 15.49 7.01
CA VAL B 115 -6.83 15.76 6.14
C VAL B 115 -6.64 17.26 5.96
N SER B 116 -5.38 17.64 5.73
CA SER B 116 -5.00 18.97 5.30
C SER B 116 -4.76 18.93 3.81
N ILE B 117 -5.28 19.93 3.09
CA ILE B 117 -4.97 20.13 1.68
C ILE B 117 -3.85 21.16 1.63
N VAL B 118 -2.74 20.81 0.99
CA VAL B 118 -1.59 21.68 0.90
C VAL B 118 -1.69 22.43 -0.42
N ARG B 119 -2.38 23.56 -0.38
CA ARG B 119 -2.77 24.26 -1.61
C ARG B 119 -1.60 24.75 -2.44
N GLU B 120 -0.50 25.13 -1.78
CA GLU B 120 0.69 25.59 -2.49
C GLU B 120 1.34 24.53 -3.39
N ASN B 121 1.03 23.26 -3.14
CA ASN B 121 1.56 22.16 -3.95
C ASN B 121 0.64 21.64 -5.05
N ILE B 122 -0.58 22.16 -5.15
CA ILE B 122 -1.50 21.71 -6.20
C ILE B 122 -1.08 22.34 -7.54
N GLN B 123 -0.98 21.51 -8.58
CA GLN B 123 -0.73 21.98 -9.96
C GLN B 123 -1.74 23.07 -10.30
N PRO B 124 -1.28 24.25 -10.76
CA PRO B 124 -2.27 25.26 -11.14
C PRO B 124 -3.31 24.75 -12.14
N GLY B 125 -4.58 25.06 -11.88
CA GLY B 125 -5.69 24.58 -12.70
C GLY B 125 -6.28 23.25 -12.26
N GLN B 126 -5.70 22.63 -11.24
CA GLN B 126 -6.21 21.34 -10.73
C GLN B 126 -6.85 21.46 -9.34
N GLU B 127 -7.04 22.69 -8.88
CA GLU B 127 -7.60 22.96 -7.57
C GLU B 127 -9.03 22.43 -7.45
N TYR B 128 -9.78 22.45 -8.55
CA TYR B 128 -11.15 21.99 -8.56
C TYR B 128 -11.32 20.56 -8.05
N ASN B 129 -10.29 19.74 -8.23
CA ASN B 129 -10.29 18.34 -7.76
C ASN B 129 -10.32 18.22 -6.25
N PHE B 130 -10.03 19.32 -5.54
CA PHE B 130 -9.90 19.31 -4.09
C PHE B 130 -11.04 19.99 -3.34
N LEU B 131 -11.98 20.59 -4.06
CA LEU B 131 -13.09 21.27 -3.41
C LEU B 131 -13.97 20.26 -2.68
N LYS B 132 -14.38 20.63 -1.47
CA LYS B 132 -15.34 19.82 -0.76
C LYS B 132 -16.67 19.84 -1.47
N MET B 133 -17.36 18.70 -1.41
CA MET B 133 -18.75 18.59 -1.87
CA MET B 133 -18.72 18.67 -1.90
C MET B 133 -19.67 19.19 -0.83
N GLU B 134 -20.87 19.53 -1.28
CA GLU B 134 -21.91 19.98 -0.37
C GLU B 134 -22.63 18.78 0.25
N PRO B 135 -23.01 18.87 1.53
CA PRO B 135 -23.67 17.75 2.18
C PRO B 135 -24.88 17.17 1.45
N GLN B 136 -25.65 18.00 0.77
CA GLN B 136 -26.85 17.52 0.08
C GLN B 136 -26.57 16.40 -0.92
N GLU B 137 -25.38 16.41 -1.51
CA GLU B 137 -25.02 15.45 -2.56
C GLU B 137 -24.35 14.18 -2.02
N VAL B 138 -24.19 14.07 -0.70
CA VAL B 138 -23.54 12.93 -0.05
C VAL B 138 -24.53 12.20 0.85
N GLU B 139 -24.64 10.88 0.70
CA GLU B 139 -25.61 10.05 1.47
C GLU B 139 -25.09 9.84 2.90
N SER B 140 -26.03 9.79 3.87
CA SER B 140 -25.73 9.83 5.32
C SER B 140 -24.92 8.66 5.91
N LEU B 141 -25.00 7.51 5.25
CA LEU B 141 -24.46 6.15 5.61
C LEU B 141 -23.66 5.83 6.90
N GLY B 142 -23.33 6.82 7.73
CA GLY B 142 -22.77 6.58 9.05
C GLY B 142 -21.35 6.07 9.07
N GLU B 143 -20.62 6.32 7.98
CA GLU B 143 -19.26 5.77 7.79
C GLU B 143 -18.21 6.77 8.24
N THR B 144 -17.23 6.28 9.01
CA THR B 144 -16.10 7.12 9.44
C THR B 144 -15.21 7.44 8.26
N TYR B 145 -14.37 8.46 8.41
CA TYR B 145 -13.45 8.87 7.32
C TYR B 145 -12.48 7.74 6.99
N ASP B 146 -12.47 7.32 5.74
CA ASP B 146 -11.75 6.12 5.35
C ASP B 146 -10.45 6.43 4.60
N PHE B 147 -9.35 6.54 5.36
CA PHE B 147 -8.03 6.76 4.77
C PHE B 147 -7.63 5.61 3.85
N ASP B 148 -8.13 4.41 4.15
CA ASP B 148 -7.81 3.20 3.38
C ASP B 148 -8.68 2.99 2.14
N SER B 149 -9.61 3.89 1.84
CA SER B 149 -10.54 3.67 0.74
C SER B 149 -9.83 3.60 -0.61
N ILE B 150 -10.30 2.70 -1.47
CA ILE B 150 -9.91 2.68 -2.88
C ILE B 150 -10.25 4.01 -3.58
N MET B 151 -11.16 4.79 -2.99
CA MET B 151 -11.53 6.10 -3.54
C MET B 151 -10.71 7.26 -2.97
N HIS B 152 -9.76 6.98 -2.08
CA HIS B 152 -8.96 8.08 -1.50
C HIS B 152 -7.77 8.42 -2.39
N TYR B 153 -7.59 9.71 -2.65
CA TYR B 153 -6.41 10.20 -3.36
C TYR B 153 -5.12 9.82 -2.63
N ALA B 154 -4.06 9.69 -3.40
CA ALA B 154 -2.72 9.57 -2.85
C ALA B 154 -2.26 10.90 -2.24
N ARG B 155 -1.16 10.81 -1.50
CA ARG B 155 -0.59 11.98 -0.82
C ARG B 155 -0.13 13.09 -1.76
N ASN B 156 0.16 12.75 -3.01
CA ASN B 156 0.76 13.65 -3.98
C ASN B 156 -0.06 13.75 -5.28
N THR B 157 -1.34 13.43 -5.22
CA THR B 157 -2.20 13.53 -6.39
C THR B 157 -2.28 14.99 -6.82
N PHE B 158 -2.13 15.21 -8.13
CA PHE B 158 -2.10 16.54 -8.74
C PHE B 158 -1.06 17.49 -8.15
N SER B 159 0.05 16.94 -7.65
CA SER B 159 1.10 17.78 -7.08
C SER B 159 2.00 18.38 -8.14
N ARG B 160 2.59 19.52 -7.80
CA ARG B 160 3.66 20.12 -8.59
C ARG B 160 4.90 19.22 -8.69
N GLY B 161 5.08 18.32 -7.72
CA GLY B 161 6.18 17.35 -7.77
C GLY B 161 5.86 16.10 -6.98
N ILE B 162 6.47 14.98 -7.36
CA ILE B 162 6.12 13.68 -6.75
C ILE B 162 6.41 13.61 -5.24
N PHE B 163 7.35 14.41 -4.75
CA PHE B 163 7.66 14.44 -3.32
C PHE B 163 7.16 15.70 -2.61
N LEU B 164 6.18 16.37 -3.20
CA LEU B 164 5.47 17.45 -2.53
C LEU B 164 4.04 16.97 -2.29
N ASP B 165 3.64 16.89 -1.03
CA ASP B 165 2.29 16.39 -0.71
C ASP B 165 1.24 17.44 -0.99
N THR B 166 0.14 17.01 -1.59
CA THR B 166 -1.08 17.80 -1.66
C THR B 166 -2.08 17.43 -0.57
N ILE B 167 -1.98 16.23 0.01
CA ILE B 167 -2.90 15.81 1.09
C ILE B 167 -2.08 15.21 2.22
N VAL B 168 -2.30 15.72 3.44
CA VAL B 168 -1.61 15.25 4.64
C VAL B 168 -2.64 14.93 5.72
N PRO B 169 -2.76 13.65 6.12
CA PRO B 169 -3.66 13.34 7.23
C PRO B 169 -3.28 14.15 8.47
N LYS B 170 -4.30 14.56 9.23
CA LYS B 170 -4.10 15.47 10.36
C LYS B 170 -3.60 14.83 11.64
N TYR B 171 -3.83 13.53 11.81
CA TYR B 171 -3.53 12.84 13.06
C TYR B 171 -3.04 11.43 12.80
N GLU B 172 -2.55 10.78 13.83
CA GLU B 172 -1.91 9.47 13.67
C GLU B 172 -2.97 8.40 13.94
N VAL B 173 -2.80 7.27 13.26
CA VAL B 173 -3.57 6.05 13.50
C VAL B 173 -2.54 4.94 13.63
N ASN B 174 -2.60 4.19 14.74
CA ASN B 174 -1.55 3.23 15.11
C ASN B 174 -0.15 3.89 15.17
N GLY B 175 -0.09 5.14 15.65
CA GLY B 175 1.16 5.88 15.82
C GLY B 175 1.74 6.59 14.61
N VAL B 176 1.14 6.40 13.43
CA VAL B 176 1.69 6.89 12.18
CA VAL B 176 1.69 6.89 12.17
C VAL B 176 0.59 7.62 11.42
N LYS B 177 0.94 8.61 10.61
CA LYS B 177 -0.06 9.25 9.76
C LYS B 177 -0.57 8.18 8.78
N PRO B 178 -1.90 8.05 8.65
CA PRO B 178 -2.42 6.95 7.84
C PRO B 178 -1.96 7.00 6.38
N PRO B 179 -1.45 5.88 5.86
CA PRO B 179 -1.18 5.82 4.42
C PRO B 179 -2.47 6.01 3.63
N ILE B 180 -2.38 6.78 2.54
CA ILE B 180 -3.52 7.08 1.70
C ILE B 180 -3.18 6.80 0.25
N GLY B 181 -4.19 6.40 -0.52
CA GLY B 181 -4.01 6.15 -1.96
C GLY B 181 -3.83 4.71 -2.38
N GLN B 182 -4.17 3.75 -1.51
CA GLN B 182 -3.99 2.34 -1.87
C GLN B 182 -4.87 1.98 -3.05
N ARG B 183 -4.33 1.18 -3.96
CA ARG B 183 -5.08 0.68 -5.12
C ARG B 183 -4.89 -0.82 -5.23
N THR B 184 -5.07 -1.51 -4.10
CA THR B 184 -4.91 -2.97 -3.99
C THR B 184 -6.24 -3.69 -3.95
N ARG B 185 -7.16 -3.22 -3.12
CA ARG B 185 -8.44 -3.89 -2.90
C ARG B 185 -9.42 -2.96 -2.24
N LEU B 186 -10.69 -3.33 -2.24
CA LEU B 186 -11.70 -2.60 -1.52
C LEU B 186 -11.39 -2.66 -0.03
N SER B 187 -11.47 -1.50 0.62
CA SER B 187 -11.30 -1.45 2.06
C SER B 187 -12.55 -1.94 2.79
N LYS B 188 -12.39 -2.16 4.10
CA LYS B 188 -13.53 -2.47 4.96
C LYS B 188 -14.61 -1.40 4.83
N GLY B 189 -14.19 -0.13 4.82
CA GLY B 189 -15.12 0.99 4.66
C GLY B 189 -15.81 0.99 3.30
N ASP B 190 -15.06 0.69 2.24
CA ASP B 190 -15.66 0.62 0.89
C ASP B 190 -16.77 -0.43 0.83
N ILE B 191 -16.49 -1.59 1.42
CA ILE B 191 -17.43 -2.70 1.43
C ILE B 191 -18.67 -2.34 2.25
N ALA B 192 -18.45 -1.77 3.42
CA ALA B 192 -19.55 -1.36 4.29
C ALA B 192 -20.43 -0.31 3.61
N GLN B 193 -19.81 0.69 3.00
CA GLN B 193 -20.52 1.74 2.29
C GLN B 193 -21.35 1.19 1.12
N ALA B 194 -20.77 0.30 0.34
CA ALA B 194 -21.49 -0.33 -0.79
C ALA B 194 -22.69 -1.13 -0.32
N ARG B 195 -22.49 -1.91 0.75
CA ARG B 195 -23.58 -2.71 1.30
C ARG B 195 -24.74 -1.85 1.81
N LYS B 196 -24.41 -0.73 2.44
CA LYS B 196 -25.43 0.22 2.89
C LYS B 196 -26.12 0.92 1.72
N LEU B 197 -25.34 1.37 0.75
CA LEU B 197 -25.90 2.06 -0.41
C LEU B 197 -26.86 1.18 -1.20
N TYR B 198 -26.50 -0.10 -1.36
CA TYR B 198 -27.29 -1.06 -2.15
C TYR B 198 -28.20 -1.94 -1.29
N LYS B 199 -28.33 -1.59 -0.01
CA LYS B 199 -29.27 -2.24 0.93
C LYS B 199 -29.10 -3.75 0.87
N CYS B 200 -27.85 -4.20 0.91
CA CYS B 200 -27.51 -5.61 0.74
C CYS B 200 -27.97 -6.40 1.98
N PRO B 201 -28.52 -7.61 1.78
CA PRO B 201 -28.99 -8.49 2.87
C PRO B 201 -28.02 -8.66 4.04
#